data_7R1U
#
_entry.id   7R1U
#
_cell.length_a   168.011
_cell.length_b   168.011
_cell.length_c   52.085
_cell.angle_alpha   90.000
_cell.angle_beta   90.000
_cell.angle_gamma   120.000
#
_symmetry.space_group_name_H-M   'P 31 2 1'
#
loop_
_entity.id
_entity.type
_entity.pdbx_description
1 polymer "2'-O-methyltransferase nsp16"
2 polymer 'Non-structural protein 10'
3 non-polymer '(2S,5S)-2,6-diamino-5-{[(2R,3S,4R,5R)-5-(6-amino-9H-purin-9-yl)-3,4-dihydroxytetrahydrofuran-2-yl]methyl}hexanoic acid'
4 non-polymer "P1-7-METHYLGUANOSINE-P3-ADENOSINE-5',5'-TRIPHOSPHATE"
5 non-polymer '2-(N-MORPHOLINO)-ETHANESULFONIC ACID'
6 non-polymer 'ZINC ION'
7 water water
#
loop_
_entity_poly.entity_id
_entity_poly.type
_entity_poly.pdbx_seq_one_letter_code
_entity_poly.pdbx_strand_id
1 'polypeptide(L)'
;MSSQAWQPGVAMPNLYKMQRMLLEKCDLQNYGDSATLPKGIMMNVAKYTQLCQYLNTLTLAVPYNMRVIHFGAGSDKGVA
PGTAVLRQWLPTGTLLVDSDLNDFVSDADSTLIGDCATVHTANKWDLIISDMYDPKTKNVTKENDSKEGFFTYICGFIQQ
KLALGGSVAIKITEHSWNADLYKLMGHFAWWTAFVTNVNASSSEAFLIGCNYLGKPREQIDGYVMHANYIFWRNTNPIQL
SSYSLFDMSKFPLKLRGTAVMSLKEGQINDMILSLLSKGRLIIRENNRVVISSDVLVNN
;
A
2 'polypeptide(L)'
;MNSTVLSFCAFAVDAAKAYKDYLASGGQPITNCVKMLCTHTGTGQAITVTPEANMDQESFGGASCCLYCRCHIDHPNPKG
FCDLKGKYVQIPTTCANDPVGFTLKNTVCTVCGMWKGYGCSCD
;
B
#
loop_
_chem_comp.id
_chem_comp.type
_chem_comp.name
_chem_comp.formula
GTA non-polymer P1-7-METHYLGUANOSINE-P3-ADENOSINE-5',5'-TRIPHOSPHATE 'C21 H30 N10 O17 P3 1'
MES non-polymer '2-(N-MORPHOLINO)-ETHANESULFONIC ACID' 'C6 H13 N O4 S'
ZN non-polymer 'ZINC ION' 'Zn 2'
#
# COMPACT_ATOMS: atom_id res chain seq x y z
N SER A 2 11.93 25.47 -5.56
CA SER A 2 11.29 24.31 -4.95
C SER A 2 12.25 23.12 -4.89
N SER A 3 12.92 22.98 -3.75
CA SER A 3 13.86 21.88 -3.54
C SER A 3 13.12 20.60 -3.19
N GLN A 4 11.81 20.72 -2.98
CA GLN A 4 10.98 19.58 -2.58
C GLN A 4 10.79 18.56 -3.70
N ALA A 5 11.19 18.94 -4.91
CA ALA A 5 10.97 18.10 -6.09
C ALA A 5 11.77 16.79 -6.03
N TRP A 6 12.87 16.78 -5.28
CA TRP A 6 13.70 15.58 -5.20
C TRP A 6 13.31 14.71 -4.02
N GLN A 7 12.36 15.18 -3.23
CA GLN A 7 11.81 14.40 -2.13
C GLN A 7 10.68 13.50 -2.66
N PRO A 8 10.35 12.43 -1.92
CA PRO A 8 9.22 11.59 -2.36
C PRO A 8 7.90 12.35 -2.26
N GLY A 9 7.84 13.35 -1.39
CA GLY A 9 6.67 14.18 -1.24
C GLY A 9 6.86 15.25 -0.19
N VAL A 10 5.79 15.98 0.11
CA VAL A 10 5.85 17.05 1.10
C VAL A 10 4.97 16.75 2.30
N ALA A 11 5.52 16.91 3.48
CA ALA A 11 4.77 16.72 4.73
C ALA A 11 4.34 18.06 5.30
N MET A 12 3.14 18.08 5.88
CA MET A 12 2.59 19.30 6.48
C MET A 12 3.49 19.84 7.58
N PRO A 13 3.99 21.08 7.40
CA PRO A 13 4.88 21.74 8.36
C PRO A 13 4.20 21.94 9.72
N ASN A 14 4.98 21.78 10.79
CA ASN A 14 4.46 21.88 12.16
C ASN A 14 3.72 23.18 12.45
N LEU A 15 4.17 24.26 11.85
CA LEU A 15 3.58 25.58 12.11
C LEU A 15 2.14 25.65 11.61
N TYR A 16 1.83 24.87 10.57
CA TYR A 16 0.47 24.81 10.05
C TYR A 16 -0.43 23.98 10.95
N LYS A 17 0.16 23.05 11.67
CA LYS A 17 -0.58 22.21 12.60
C LYS A 17 -1.05 23.02 13.81
N MET A 18 -0.29 24.05 14.15
CA MET A 18 -0.53 24.81 15.38
C MET A 18 -1.52 25.96 15.20
N GLN A 19 -1.97 26.16 13.96
CA GLN A 19 -2.88 27.27 13.69
C GLN A 19 -4.31 26.95 14.11
N ARG A 20 -5.17 27.96 13.99
CA ARG A 20 -6.62 27.76 14.08
C ARG A 20 -7.26 28.43 12.87
N MET A 21 -7.81 27.63 11.97
CA MET A 21 -8.31 28.17 10.71
C MET A 21 -9.74 27.73 10.46
N LEU A 22 -10.43 28.46 9.60
CA LEU A 22 -11.76 28.06 9.16
C LEU A 22 -11.64 27.28 7.86
N LEU A 23 -12.48 26.26 7.72
CA LEU A 23 -12.44 25.43 6.53
C LEU A 23 -12.86 26.24 5.31
N GLU A 24 -12.01 26.23 4.28
CA GLU A 24 -12.33 26.89 3.03
C GLU A 24 -12.41 25.86 1.91
N LYS A 25 -12.75 26.31 0.71
CA LYS A 25 -12.71 25.44 -0.46
C LYS A 25 -11.26 25.27 -0.85
N CYS A 26 -10.90 24.06 -1.28
CA CYS A 26 -9.51 23.81 -1.67
C CYS A 26 -9.35 24.06 -3.16
N ASP A 27 -8.62 25.13 -3.49
CA ASP A 27 -8.32 25.45 -4.87
C ASP A 27 -6.82 25.31 -5.10
N LEU A 28 -6.44 24.28 -5.84
CA LEU A 28 -5.03 24.02 -6.08
C LEU A 28 -4.58 24.64 -7.40
N GLN A 29 -3.45 25.34 -7.35
CA GLN A 29 -2.86 25.94 -8.53
C GLN A 29 -2.54 24.89 -9.59
N ASN A 30 -2.10 23.71 -9.13
CA ASN A 30 -1.67 22.65 -10.02
C ASN A 30 -2.81 21.69 -10.39
N TYR A 31 -4.02 21.99 -9.94
CA TYR A 31 -5.16 21.10 -10.15
C TYR A 31 -5.40 20.84 -11.63
N GLY A 32 -5.46 19.56 -11.99
CA GLY A 32 -5.65 19.15 -13.38
C GLY A 32 -4.37 18.70 -14.03
N ASP A 33 -3.24 19.13 -13.48
CA ASP A 33 -1.92 18.73 -14.00
C ASP A 33 -1.59 17.31 -13.57
N SER A 34 -0.84 16.61 -14.41
CA SER A 34 -0.41 15.25 -14.10
C SER A 34 1.10 15.13 -14.20
N ALA A 35 1.71 14.54 -13.17
CA ALA A 35 3.14 14.31 -13.19
C ALA A 35 3.50 13.32 -14.29
N THR A 36 4.71 13.42 -14.81
CA THR A 36 5.14 12.51 -15.88
C THR A 36 5.81 11.29 -15.25
N LEU A 37 5.14 10.16 -15.35
CA LEU A 37 5.60 8.93 -14.71
C LEU A 37 6.57 8.18 -15.61
N PRO A 38 7.42 7.33 -15.02
CA PRO A 38 8.28 6.46 -15.82
C PRO A 38 7.46 5.57 -16.75
N LYS A 39 8.06 5.10 -17.83
CA LYS A 39 7.35 4.33 -18.83
C LYS A 39 6.68 3.09 -18.25
N GLY A 40 5.37 2.96 -18.49
CA GLY A 40 4.62 1.79 -18.07
C GLY A 40 4.35 1.69 -16.58
N ILE A 41 4.46 2.80 -15.87
CA ILE A 41 4.23 2.80 -14.43
C ILE A 41 2.88 3.40 -14.06
N MET A 42 2.12 2.67 -13.25
CA MET A 42 0.81 3.13 -12.80
C MET A 42 0.94 4.27 -11.79
N MET A 43 -0.13 5.05 -11.66
CA MET A 43 -0.19 6.11 -10.66
C MET A 43 -0.15 5.54 -9.25
N ASN A 44 -0.88 4.44 -9.04
CA ASN A 44 -0.95 3.81 -7.73
C ASN A 44 0.37 3.21 -7.28
N VAL A 45 1.15 2.72 -8.23
CA VAL A 45 2.47 2.17 -7.92
C VAL A 45 3.41 3.30 -7.53
N ALA A 46 3.37 4.39 -8.30
CA ALA A 46 4.20 5.56 -8.03
C ALA A 46 3.80 6.22 -6.71
N LYS A 47 2.50 6.34 -6.48
CA LYS A 47 1.98 6.94 -5.26
C LYS A 47 2.41 6.16 -4.02
N TYR A 48 2.22 4.85 -4.06
CA TYR A 48 2.59 3.99 -2.94
C TYR A 48 4.10 3.94 -2.72
N THR A 49 4.86 4.01 -3.81
CA THR A 49 6.31 4.00 -3.72
C THR A 49 6.79 5.20 -2.91
N GLN A 50 6.29 6.38 -3.25
CA GLN A 50 6.70 7.60 -2.57
C GLN A 50 6.22 7.63 -1.13
N LEU A 51 5.08 7.00 -0.86
CA LEU A 51 4.57 6.91 0.50
C LEU A 51 5.52 6.09 1.36
N CYS A 52 5.96 4.95 0.83
CA CYS A 52 6.91 4.09 1.53
C CYS A 52 8.27 4.76 1.66
N GLN A 53 8.69 5.47 0.61
CA GLN A 53 9.96 6.20 0.65
C GLN A 53 9.96 7.25 1.76
N TYR A 54 8.81 7.84 2.02
CA TYR A 54 8.70 8.82 3.10
C TYR A 54 8.66 8.12 4.46
N LEU A 55 7.98 6.98 4.53
CA LEU A 55 7.86 6.24 5.77
C LEU A 55 9.21 5.72 6.26
N ASN A 56 10.16 5.59 5.34
CA ASN A 56 11.51 5.18 5.69
C ASN A 56 12.23 6.26 6.51
N THR A 57 11.78 7.50 6.39
CA THR A 57 12.41 8.62 7.07
C THR A 57 11.87 8.79 8.48
N LEU A 58 10.77 8.11 8.78
CA LEU A 58 10.18 8.18 10.11
C LEU A 58 10.75 7.07 10.99
N THR A 59 10.33 7.05 12.26
CA THR A 59 10.74 5.96 13.13
C THR A 59 9.60 4.96 13.25
N LEU A 60 9.78 3.82 12.59
CA LEU A 60 8.75 2.80 12.58
C LEU A 60 9.29 1.54 13.25
N ALA A 61 8.46 0.94 14.10
CA ALA A 61 8.81 -0.33 14.68
C ALA A 61 8.70 -1.40 13.60
N VAL A 62 9.81 -2.11 13.36
CA VAL A 62 9.83 -3.16 12.36
C VAL A 62 10.30 -4.47 12.98
N PRO A 63 9.38 -5.16 13.67
CA PRO A 63 9.66 -6.43 14.34
C PRO A 63 9.75 -7.60 13.37
N TYR A 64 10.34 -8.70 13.83
CA TYR A 64 10.26 -9.96 13.09
C TYR A 64 8.80 -10.38 13.05
N ASN A 65 8.39 -11.05 11.97
CA ASN A 65 7.01 -11.45 11.77
C ASN A 65 6.08 -10.25 11.87
N MET A 66 6.45 -9.17 11.20
CA MET A 66 5.68 -7.94 11.21
C MET A 66 4.30 -8.16 10.60
N ARG A 67 3.30 -7.48 11.15
CA ARG A 67 1.92 -7.63 10.69
C ARG A 67 1.41 -6.33 10.09
N VAL A 68 1.09 -6.36 8.80
CA VAL A 68 0.58 -5.18 8.10
C VAL A 68 -0.75 -5.47 7.43
N ILE A 69 -1.73 -4.60 7.65
CA ILE A 69 -3.04 -4.75 7.02
C ILE A 69 -3.35 -3.56 6.12
N HIS A 70 -3.87 -3.86 4.92
CA HIS A 70 -4.09 -2.85 3.90
C HIS A 70 -5.57 -2.78 3.49
N PHE A 71 -6.23 -1.67 3.81
CA PHE A 71 -7.64 -1.51 3.49
C PHE A 71 -7.85 -0.76 2.18
N GLY A 72 -8.81 -1.22 1.39
CA GLY A 72 -9.12 -0.62 0.11
C GLY A 72 -7.99 -0.82 -0.89
N ALA A 73 -7.51 -2.05 -1.00
CA ALA A 73 -6.36 -2.35 -1.84
C ALA A 73 -6.71 -2.66 -3.30
N GLY A 74 -7.98 -2.97 -3.56
CA GLY A 74 -8.38 -3.34 -4.91
C GLY A 74 -8.66 -2.15 -5.81
N SER A 75 -8.28 -2.27 -7.08
CA SER A 75 -8.50 -1.19 -8.04
C SER A 75 -9.69 -1.53 -8.94
N ASP A 76 -10.01 -0.61 -9.85
CA ASP A 76 -11.08 -0.85 -10.80
C ASP A 76 -10.60 -1.75 -11.93
N LYS A 77 -9.29 -1.95 -12.00
CA LYS A 77 -8.70 -2.85 -12.98
C LYS A 77 -8.78 -4.29 -12.51
N GLY A 78 -8.96 -4.48 -11.20
CA GLY A 78 -9.09 -5.81 -10.62
C GLY A 78 -7.82 -6.32 -10.00
N VAL A 79 -6.81 -5.45 -9.89
CA VAL A 79 -5.54 -5.82 -9.29
C VAL A 79 -5.27 -5.02 -8.02
N ALA A 80 -4.12 -5.29 -7.40
CA ALA A 80 -3.74 -4.61 -6.16
C ALA A 80 -2.34 -4.01 -6.26
N PRO A 81 -2.20 -2.87 -6.96
CA PRO A 81 -0.91 -2.21 -7.15
C PRO A 81 -0.27 -1.80 -5.84
N GLY A 82 -1.06 -1.21 -4.94
CA GLY A 82 -0.56 -0.76 -3.66
C GLY A 82 -0.02 -1.88 -2.81
N THR A 83 -0.71 -3.01 -2.83
CA THR A 83 -0.28 -4.20 -2.10
C THR A 83 1.08 -4.68 -2.61
N ALA A 84 1.27 -4.62 -3.93
CA ALA A 84 2.51 -5.05 -4.54
C ALA A 84 3.70 -4.22 -4.05
N VAL A 85 3.51 -2.91 -3.99
CA VAL A 85 4.56 -2.01 -3.50
C VAL A 85 4.85 -2.28 -2.02
N LEU A 86 3.78 -2.49 -1.25
CA LEU A 86 3.92 -2.79 0.18
C LEU A 86 4.74 -4.05 0.41
N ARG A 87 4.40 -5.12 -0.32
CA ARG A 87 5.10 -6.39 -0.21
C ARG A 87 6.58 -6.24 -0.55
N GLN A 88 6.86 -5.47 -1.60
CA GLN A 88 8.24 -5.15 -1.99
C GLN A 88 8.95 -4.40 -0.88
N TRP A 89 8.29 -3.37 -0.37
CA TRP A 89 8.85 -2.50 0.66
C TRP A 89 9.07 -3.22 1.99
N LEU A 90 8.05 -3.93 2.46
CA LEU A 90 8.12 -4.64 3.72
C LEU A 90 9.12 -5.80 3.67
N PRO A 91 9.78 -6.09 4.80
CA PRO A 91 10.75 -7.19 4.89
C PRO A 91 10.16 -8.51 4.44
N THR A 92 10.98 -9.37 3.86
CA THR A 92 10.52 -10.67 3.40
C THR A 92 10.03 -11.51 4.58
N GLY A 93 8.83 -12.07 4.45
CA GLY A 93 8.24 -12.86 5.52
C GLY A 93 7.23 -12.08 6.31
N THR A 94 7.10 -10.79 6.00
CA THR A 94 6.10 -9.95 6.66
C THR A 94 4.71 -10.38 6.26
N LEU A 95 3.85 -10.64 7.26
CA LEU A 95 2.48 -11.05 6.97
C LEU A 95 1.68 -9.83 6.52
N LEU A 96 1.13 -9.93 5.31
CA LEU A 96 0.40 -8.82 4.72
C LEU A 96 -1.01 -9.24 4.33
N VAL A 97 -2.00 -8.61 4.94
CA VAL A 97 -3.40 -8.86 4.63
C VAL A 97 -4.02 -7.61 4.01
N ASP A 98 -4.75 -7.77 2.92
CA ASP A 98 -5.45 -6.64 2.34
C ASP A 98 -6.94 -6.92 2.15
N SER A 99 -7.71 -5.85 1.97
CA SER A 99 -9.16 -5.97 1.83
C SER A 99 -9.73 -4.87 0.95
N ASP A 100 -10.87 -5.16 0.32
CA ASP A 100 -11.58 -4.17 -0.48
C ASP A 100 -13.04 -4.56 -0.62
N LEU A 101 -13.88 -3.60 -1.01
CA LEU A 101 -15.29 -3.86 -1.21
C LEU A 101 -15.53 -4.73 -2.43
N ASN A 102 -14.68 -4.59 -3.43
CA ASN A 102 -14.84 -5.30 -4.70
C ASN A 102 -13.77 -6.37 -4.89
N ASP A 103 -14.12 -7.41 -5.63
CA ASP A 103 -13.21 -8.54 -5.87
C ASP A 103 -11.98 -8.10 -6.65
N PHE A 104 -10.81 -8.58 -6.23
CA PHE A 104 -9.56 -8.24 -6.89
C PHE A 104 -8.49 -9.30 -6.62
N VAL A 105 -7.45 -9.30 -7.45
CA VAL A 105 -6.34 -10.25 -7.32
C VAL A 105 -5.14 -9.60 -6.64
N SER A 106 -4.60 -10.26 -5.63
CA SER A 106 -3.57 -9.66 -4.80
C SER A 106 -2.36 -10.56 -4.55
N ASP A 107 -1.23 -9.93 -4.23
CA ASP A 107 -0.01 -10.65 -3.87
C ASP A 107 0.10 -10.80 -2.35
N ALA A 108 -0.92 -10.34 -1.64
CA ALA A 108 -0.93 -10.41 -0.18
C ALA A 108 -1.04 -11.85 0.30
N ASP A 109 -0.67 -12.09 1.55
CA ASP A 109 -0.78 -13.41 2.14
C ASP A 109 -2.23 -13.85 2.24
N SER A 110 -3.12 -12.91 2.50
CA SER A 110 -4.55 -13.19 2.57
C SER A 110 -5.36 -11.98 2.14
N THR A 111 -6.52 -12.23 1.54
CA THR A 111 -7.36 -11.16 1.02
C THR A 111 -8.83 -11.34 1.43
N LEU A 112 -9.42 -10.30 2.00
CA LEU A 112 -10.83 -10.33 2.39
C LEU A 112 -11.65 -9.41 1.50
N ILE A 113 -12.71 -9.95 0.91
CA ILE A 113 -13.57 -9.16 0.03
C ILE A 113 -14.88 -8.79 0.71
N GLY A 114 -15.14 -7.50 0.79
CA GLY A 114 -16.37 -7.00 1.38
C GLY A 114 -16.19 -5.62 1.99
N ASP A 115 -17.27 -5.07 2.54
CA ASP A 115 -17.19 -3.79 3.24
C ASP A 115 -16.28 -3.95 4.46
N CYS A 116 -15.46 -2.94 4.71
CA CYS A 116 -14.46 -3.00 5.77
C CYS A 116 -15.07 -3.23 7.14
N ALA A 117 -16.34 -2.83 7.31
CA ALA A 117 -17.04 -3.02 8.56
C ALA A 117 -17.24 -4.50 8.88
N THR A 118 -17.19 -5.33 7.85
CA THR A 118 -17.39 -6.77 8.02
C THR A 118 -16.09 -7.47 8.44
N VAL A 119 -14.97 -6.79 8.29
CA VAL A 119 -13.67 -7.38 8.58
C VAL A 119 -13.37 -7.43 10.08
N HIS A 120 -13.01 -8.61 10.56
CA HIS A 120 -12.62 -8.79 11.96
C HIS A 120 -11.34 -9.60 12.06
N THR A 121 -10.46 -9.18 12.97
CA THR A 121 -9.22 -9.89 13.21
C THR A 121 -9.05 -10.17 14.69
N ALA A 122 -8.52 -11.34 15.02
CA ALA A 122 -8.32 -11.72 16.41
C ALA A 122 -7.13 -10.98 17.02
N ASN A 123 -6.05 -10.89 16.25
CA ASN A 123 -4.80 -10.30 16.71
C ASN A 123 -4.70 -8.81 16.41
N LYS A 124 -3.59 -8.20 16.84
CA LYS A 124 -3.34 -6.79 16.56
C LYS A 124 -2.36 -6.62 15.40
N TRP A 125 -2.09 -5.38 15.02
CA TRP A 125 -1.28 -5.11 13.82
C TRP A 125 -0.22 -4.04 14.07
N ASP A 126 0.91 -4.20 13.39
CA ASP A 126 2.01 -3.25 13.49
C ASP A 126 1.83 -2.03 12.58
N LEU A 127 1.25 -2.25 11.41
CA LEU A 127 1.07 -1.18 10.44
C LEU A 127 -0.26 -1.27 9.70
N ILE A 128 -0.98 -0.15 9.62
CA ILE A 128 -2.26 -0.12 8.93
C ILE A 128 -2.26 0.90 7.80
N ILE A 129 -2.59 0.45 6.60
CA ILE A 129 -2.64 1.32 5.43
C ILE A 129 -4.05 1.32 4.83
N SER A 130 -4.59 2.51 4.60
CA SER A 130 -5.92 2.62 4.00
C SER A 130 -5.96 3.62 2.85
N ASP A 131 -6.23 3.12 1.65
CA ASP A 131 -6.46 3.97 0.49
C ASP A 131 -7.95 4.16 0.22
N MET A 132 -8.78 3.65 1.13
CA MET A 132 -10.23 3.67 0.95
C MET A 132 -10.78 5.07 0.64
N TYR A 133 -11.55 5.15 -0.44
CA TYR A 133 -12.19 6.39 -0.84
C TYR A 133 -13.59 6.11 -1.41
N ASP A 134 -14.58 6.85 -0.92
CA ASP A 134 -15.94 6.71 -1.42
C ASP A 134 -16.16 7.63 -2.62
N PRO A 135 -16.53 7.05 -3.77
CA PRO A 135 -16.78 7.84 -4.98
C PRO A 135 -17.94 8.83 -4.81
N LYS A 136 -18.86 8.53 -3.89
CA LYS A 136 -20.00 9.40 -3.62
C LYS A 136 -19.55 10.71 -2.97
N THR A 137 -18.33 10.72 -2.46
CA THR A 137 -17.74 11.92 -1.87
C THR A 137 -17.47 12.97 -2.96
N LYS A 138 -17.25 12.49 -4.18
CA LYS A 138 -17.01 13.38 -5.32
C LYS A 138 -18.23 14.26 -5.61
N ASN A 139 -19.40 13.82 -5.17
CA ASN A 139 -20.61 14.62 -5.28
C ASN A 139 -20.83 15.45 -4.03
N VAL A 140 -20.72 16.76 -4.16
CA VAL A 140 -20.90 17.63 -3.01
C VAL A 140 -22.27 18.29 -3.04
N THR A 141 -23.16 17.81 -2.18
CA THR A 141 -24.51 18.36 -2.05
C THR A 141 -24.65 19.28 -0.84
N LYS A 142 -23.57 19.44 -0.09
CA LYS A 142 -23.64 20.10 1.22
C LYS A 142 -22.35 20.86 1.48
N GLU A 143 -22.16 21.32 2.73
CA GLU A 143 -20.88 21.86 3.15
C GLU A 143 -19.91 20.70 3.27
N ASN A 144 -18.68 20.98 3.64
CA ASN A 144 -17.72 19.90 3.88
C ASN A 144 -17.60 19.65 5.36
N ASP A 145 -18.14 18.53 5.81
CA ASP A 145 -18.11 18.18 7.22
C ASP A 145 -17.45 16.82 7.41
N SER A 146 -17.30 16.40 8.67
CA SER A 146 -16.68 15.14 8.99
C SER A 146 -17.47 13.99 8.37
N LYS A 147 -16.75 13.02 7.80
CA LYS A 147 -17.40 11.91 7.12
C LYS A 147 -17.41 10.64 7.96
N GLU A 148 -18.58 10.01 8.02
CA GLU A 148 -18.75 8.71 8.65
C GLU A 148 -18.53 7.61 7.61
N GLY A 149 -18.94 6.39 7.91
CA GLY A 149 -18.65 5.28 7.04
C GLY A 149 -17.32 4.66 7.43
N PHE A 150 -16.55 4.21 6.45
CA PHE A 150 -15.30 3.50 6.72
C PHE A 150 -14.38 4.25 7.68
N PHE A 151 -14.50 5.58 7.70
CA PHE A 151 -13.76 6.40 8.66
C PHE A 151 -14.13 6.04 10.10
N THR A 152 -15.39 5.70 10.31
CA THR A 152 -15.85 5.29 11.64
C THR A 152 -15.23 3.96 12.02
N TYR A 153 -15.16 3.04 11.07
CA TYR A 153 -14.57 1.72 11.29
C TYR A 153 -13.08 1.81 11.56
N ILE A 154 -12.39 2.65 10.80
CA ILE A 154 -10.94 2.80 10.91
C ILE A 154 -10.52 3.26 12.30
N CYS A 155 -11.18 4.29 12.82
CA CYS A 155 -10.89 4.79 14.15
C CYS A 155 -11.07 3.70 15.20
N GLY A 156 -12.11 2.89 15.04
CA GLY A 156 -12.36 1.77 15.93
C GLY A 156 -11.29 0.72 15.80
N PHE A 157 -10.91 0.42 14.56
CA PHE A 157 -9.89 -0.59 14.30
C PHE A 157 -8.54 -0.17 14.87
N ILE A 158 -8.23 1.12 14.76
CA ILE A 158 -6.97 1.63 15.28
C ILE A 158 -6.90 1.52 16.79
N GLN A 159 -7.95 1.98 17.46
CA GLN A 159 -7.98 1.95 18.92
C GLN A 159 -7.94 0.52 19.45
N GLN A 160 -8.75 -0.36 18.89
CA GLN A 160 -8.79 -1.76 19.30
C GLN A 160 -7.63 -2.61 18.79
N LYS A 161 -7.40 -2.61 17.48
CA LYS A 161 -6.51 -3.58 16.84
C LYS A 161 -5.09 -3.11 16.51
N LEU A 162 -4.73 -1.87 16.84
CA LEU A 162 -3.37 -1.43 16.56
C LEU A 162 -2.48 -1.60 17.79
N ALA A 163 -1.38 -2.32 17.61
CA ALA A 163 -0.42 -2.53 18.68
C ALA A 163 0.27 -1.22 19.04
N LEU A 164 0.64 -1.07 20.30
CA LEU A 164 1.35 0.12 20.76
C LEU A 164 2.69 0.22 20.06
N GLY A 165 3.02 1.43 19.59
CA GLY A 165 4.23 1.65 18.84
C GLY A 165 4.00 1.47 17.35
N GLY A 166 2.82 0.96 17.00
CA GLY A 166 2.46 0.78 15.62
C GLY A 166 2.18 2.09 14.92
N SER A 167 2.08 2.04 13.59
CA SER A 167 1.85 3.24 12.80
C SER A 167 0.74 3.04 11.78
N VAL A 168 0.13 4.14 11.34
CA VAL A 168 -0.93 4.09 10.35
C VAL A 168 -0.74 5.12 9.24
N ALA A 169 -1.16 4.77 8.03
CA ALA A 169 -1.25 5.73 6.94
C ALA A 169 -2.64 5.69 6.32
N ILE A 170 -3.41 6.76 6.50
CA ILE A 170 -4.79 6.78 6.05
C ILE A 170 -5.01 7.85 5.00
N LYS A 171 -5.52 7.45 3.85
CA LYS A 171 -5.73 8.38 2.75
C LYS A 171 -6.93 9.27 3.00
N ILE A 172 -6.73 10.57 2.85
CA ILE A 172 -7.82 11.54 2.95
C ILE A 172 -7.76 12.49 1.77
N THR A 173 -8.84 13.24 1.57
CA THR A 173 -8.88 14.28 0.56
C THR A 173 -9.57 15.50 1.16
N GLU A 174 -9.87 16.49 0.34
CA GLU A 174 -10.59 17.67 0.82
C GLU A 174 -11.93 17.27 1.42
N HIS A 175 -12.74 16.56 0.63
CA HIS A 175 -14.08 16.17 1.08
C HIS A 175 -14.14 14.80 1.74
N SER A 176 -13.07 14.01 1.65
CA SER A 176 -13.04 12.74 2.37
C SER A 176 -12.08 12.86 3.55
N TRP A 177 -12.65 13.00 4.73
CA TRP A 177 -11.88 13.19 5.95
C TRP A 177 -12.75 12.88 7.17
N ASN A 178 -12.11 12.69 8.32
CA ASN A 178 -12.85 12.48 9.56
C ASN A 178 -12.24 13.26 10.71
N ALA A 179 -13.09 13.91 11.50
CA ALA A 179 -12.63 14.72 12.63
C ALA A 179 -11.99 13.87 13.72
N ASP A 180 -12.60 12.73 14.02
CA ASP A 180 -12.09 11.85 15.07
C ASP A 180 -10.76 11.23 14.69
N LEU A 181 -10.56 11.01 13.39
CA LEU A 181 -9.29 10.48 12.90
C LEU A 181 -8.17 11.46 13.16
N TYR A 182 -8.46 12.75 12.98
CA TYR A 182 -7.51 13.81 13.30
C TYR A 182 -7.23 13.85 14.80
N LYS A 183 -8.29 13.75 15.60
CA LYS A 183 -8.16 13.71 17.05
C LYS A 183 -7.37 12.49 17.48
N LEU A 184 -7.48 11.41 16.70
CA LEU A 184 -6.80 10.16 17.01
C LEU A 184 -5.30 10.26 16.71
N MET A 185 -4.92 11.20 15.86
CA MET A 185 -3.51 11.42 15.55
C MET A 185 -2.75 11.90 16.78
N GLY A 186 -3.47 12.49 17.73
CA GLY A 186 -2.88 12.95 18.97
C GLY A 186 -2.58 11.81 19.93
N HIS A 187 -2.98 10.60 19.56
CA HIS A 187 -2.71 9.41 20.36
C HIS A 187 -1.41 8.75 19.90
N PHE A 188 -0.75 9.40 18.95
CA PHE A 188 0.53 8.92 18.43
C PHE A 188 1.64 9.84 18.89
N ALA A 189 2.85 9.29 19.00
CA ALA A 189 4.01 10.07 19.39
C ALA A 189 4.24 11.26 18.44
N TRP A 190 3.93 11.04 17.16
CA TRP A 190 4.09 12.07 16.15
C TRP A 190 3.11 11.84 15.00
N TRP A 191 2.75 12.90 14.30
CA TRP A 191 1.78 12.78 13.21
C TRP A 191 2.01 13.83 12.13
N THR A 192 1.57 13.53 10.91
CA THR A 192 1.64 14.48 9.81
C THR A 192 0.63 14.16 8.72
N ALA A 193 0.41 15.13 7.83
CA ALA A 193 -0.33 14.89 6.59
C ALA A 193 0.65 14.92 5.42
N PHE A 194 0.86 13.77 4.80
CA PHE A 194 1.86 13.66 3.73
C PHE A 194 1.25 13.64 2.34
N VAL A 195 1.78 14.50 1.47
CA VAL A 195 1.34 14.59 0.09
C VAL A 195 2.41 14.09 -0.86
N THR A 196 2.10 13.06 -1.64
CA THR A 196 3.05 12.51 -2.61
C THR A 196 3.29 13.49 -3.76
N ASN A 197 4.53 13.56 -4.24
CA ASN A 197 4.90 14.50 -5.29
C ASN A 197 4.28 14.18 -6.66
N VAL A 198 3.94 12.90 -6.88
CA VAL A 198 3.34 12.52 -8.15
C VAL A 198 1.86 12.91 -8.18
N ASN A 199 1.21 12.85 -7.02
CA ASN A 199 -0.20 13.21 -6.90
C ASN A 199 -0.43 14.64 -6.41
N ALA A 200 0.64 15.42 -6.31
CA ALA A 200 0.62 16.75 -5.69
C ALA A 200 -0.50 17.67 -6.20
N SER A 201 -0.96 17.43 -7.43
CA SER A 201 -2.05 18.21 -8.01
C SER A 201 -3.40 17.90 -7.37
N SER A 202 -3.42 16.91 -6.47
CA SER A 202 -4.64 16.49 -5.81
C SER A 202 -4.66 16.87 -4.34
N SER A 203 -5.85 17.07 -3.80
CA SER A 203 -6.02 17.42 -2.38
C SER A 203 -5.72 16.22 -1.48
N GLU A 204 -5.51 15.07 -2.10
CA GLU A 204 -5.20 13.84 -1.39
C GLU A 204 -3.96 13.97 -0.50
N ALA A 205 -4.03 13.35 0.67
CA ALA A 205 -2.87 13.19 1.53
C ALA A 205 -3.04 11.96 2.39
N PHE A 206 -1.94 11.47 2.95
CA PHE A 206 -2.00 10.35 3.89
C PHE A 206 -1.80 10.84 5.31
N LEU A 207 -2.83 10.72 6.14
CA LEU A 207 -2.66 11.00 7.55
C LEU A 207 -1.79 9.91 8.14
N ILE A 208 -0.66 10.31 8.71
CA ILE A 208 0.29 9.34 9.23
C ILE A 208 0.45 9.45 10.74
N GLY A 209 -0.07 8.46 11.46
CA GLY A 209 0.21 8.33 12.87
C GLY A 209 1.53 7.59 13.02
N CYS A 210 2.33 7.98 14.00
CA CYS A 210 3.63 7.35 14.19
C CYS A 210 3.82 6.94 15.64
N ASN A 211 4.04 5.65 15.86
CA ASN A 211 4.26 5.10 17.20
C ASN A 211 3.07 5.33 18.14
N TYR A 212 1.99 4.59 17.91
CA TYR A 212 0.76 4.67 18.69
C TYR A 212 0.99 4.47 20.19
N LEU A 213 0.55 5.43 20.98
CA LEU A 213 0.73 5.37 22.44
C LEU A 213 -0.50 4.87 23.19
N GLY A 214 -1.60 4.65 22.47
CA GLY A 214 -2.83 4.16 23.08
C GLY A 214 -3.60 5.20 23.88
N LYS A 215 -3.00 6.35 24.11
CA LYS A 215 -3.64 7.44 24.85
C LYS A 215 -3.21 8.77 24.27
N PRO A 216 -4.07 9.79 24.34
CA PRO A 216 -3.67 11.07 23.75
C PRO A 216 -2.54 11.75 24.51
N ARG A 217 -1.48 12.12 23.80
CA ARG A 217 -0.45 12.98 24.36
C ARG A 217 -0.72 14.43 23.97
N GLU A 218 -1.67 14.61 23.05
CA GLU A 218 -1.99 15.91 22.49
C GLU A 218 -3.47 15.98 22.18
N GLN A 219 -4.09 17.13 22.47
CA GLN A 219 -5.51 17.30 22.20
C GLN A 219 -5.70 18.02 20.87
N ILE A 220 -6.38 17.37 19.94
CA ILE A 220 -6.53 17.90 18.59
C ILE A 220 -7.99 18.02 18.17
N ASP A 221 -8.38 19.24 17.78
CA ASP A 221 -9.69 19.47 17.21
C ASP A 221 -9.66 19.03 15.75
N GLY A 222 -10.50 18.06 15.40
CA GLY A 222 -10.51 17.48 14.07
C GLY A 222 -10.94 18.44 12.98
N TYR A 223 -11.95 19.26 13.28
CA TYR A 223 -12.47 20.22 12.33
C TYR A 223 -11.46 21.34 12.08
N VAL A 224 -10.79 21.78 13.15
CA VAL A 224 -9.79 22.83 13.05
C VAL A 224 -8.57 22.35 12.27
N MET A 225 -8.14 21.12 12.55
CA MET A 225 -6.92 20.60 11.95
C MET A 225 -7.07 20.35 10.45
N HIS A 226 -8.24 19.88 10.04
CA HIS A 226 -8.50 19.67 8.61
C HIS A 226 -8.55 21.00 7.88
N ALA A 227 -9.07 22.02 8.57
CA ALA A 227 -9.07 23.37 8.03
C ALA A 227 -7.63 23.88 7.89
N ASN A 228 -6.80 23.52 8.86
CA ASN A 228 -5.37 23.83 8.81
C ASN A 228 -4.69 23.14 7.63
N TYR A 229 -5.07 21.90 7.38
CA TYR A 229 -4.50 21.14 6.28
C TYR A 229 -4.88 21.76 4.94
N ILE A 230 -6.15 22.10 4.78
CA ILE A 230 -6.64 22.75 3.56
C ILE A 230 -5.94 24.09 3.35
N PHE A 231 -5.79 24.85 4.43
CA PHE A 231 -5.09 26.13 4.38
C PHE A 231 -3.65 25.97 3.89
N TRP A 232 -2.98 24.93 4.37
CA TRP A 232 -1.61 24.65 3.96
C TRP A 232 -1.53 24.33 2.47
N ARG A 233 -2.44 23.48 1.99
CA ARG A 233 -2.47 23.10 0.59
C ARG A 233 -2.77 24.29 -0.33
N ASN A 234 -3.67 25.15 0.11
CA ASN A 234 -4.06 26.32 -0.68
C ASN A 234 -2.93 27.35 -0.81
N THR A 235 -2.17 27.53 0.26
CA THR A 235 -1.15 28.57 0.28
C THR A 235 0.24 28.04 -0.08
N ASN A 236 0.35 26.73 -0.31
CA ASN A 236 1.63 26.13 -0.67
C ASN A 236 1.52 25.18 -1.84
N PRO A 237 1.57 25.71 -3.07
CA PRO A 237 1.56 24.90 -4.29
C PRO A 237 2.74 23.93 -4.34
N ILE A 238 2.47 22.66 -4.62
CA ILE A 238 3.52 21.65 -4.68
C ILE A 238 3.82 21.27 -6.13
N GLN A 239 5.08 21.39 -6.52
CA GLN A 239 5.51 21.04 -7.86
C GLN A 239 5.46 19.53 -8.07
N LEU A 240 4.74 19.10 -9.11
CA LEU A 240 4.63 17.68 -9.43
C LEU A 240 6.00 17.10 -9.75
N SER A 241 6.36 16.03 -9.06
CA SER A 241 7.67 15.42 -9.25
C SER A 241 7.63 13.90 -9.21
N SER A 242 8.15 13.28 -10.27
CA SER A 242 8.34 11.83 -10.31
C SER A 242 9.77 11.44 -9.95
N TYR A 243 10.57 12.44 -9.58
CA TYR A 243 12.01 12.28 -9.43
C TYR A 243 12.45 11.13 -8.52
N SER A 244 11.83 11.02 -7.35
CA SER A 244 12.27 10.05 -6.34
C SER A 244 12.01 8.60 -6.78
N LEU A 245 11.22 8.43 -7.83
CA LEU A 245 10.89 7.09 -8.31
C LEU A 245 12.08 6.42 -8.99
N PHE A 246 13.05 7.23 -9.41
CA PHE A 246 14.16 6.72 -10.21
C PHE A 246 15.32 6.17 -9.36
N ASP A 247 15.31 6.43 -8.05
CA ASP A 247 16.28 5.79 -7.18
C ASP A 247 15.58 4.85 -6.22
N MET A 248 15.69 3.55 -6.50
CA MET A 248 15.09 2.52 -5.65
C MET A 248 16.09 1.82 -4.74
N SER A 249 17.35 2.25 -4.79
CA SER A 249 18.44 1.56 -4.10
C SER A 249 18.22 1.46 -2.59
N LYS A 250 17.75 2.54 -1.97
CA LYS A 250 17.54 2.57 -0.53
C LYS A 250 16.10 2.25 -0.13
N PHE A 251 15.27 1.89 -1.10
CA PHE A 251 13.82 1.73 -0.89
C PHE A 251 13.37 0.75 0.20
N PRO A 252 13.91 -0.49 0.25
CA PRO A 252 13.36 -1.45 1.20
C PRO A 252 13.37 -0.97 2.65
N LEU A 253 12.38 -1.39 3.42
CA LEU A 253 12.27 -0.97 4.82
C LEU A 253 13.31 -1.69 5.66
N LYS A 254 14.15 -0.93 6.33
CA LYS A 254 15.20 -1.50 7.17
C LYS A 254 14.59 -2.31 8.30
N LEU A 255 15.00 -3.56 8.42
CA LEU A 255 14.49 -4.42 9.49
C LEU A 255 15.25 -4.09 10.77
N ARG A 256 14.53 -3.59 11.77
CA ARG A 256 15.15 -3.16 13.01
C ARG A 256 15.08 -4.23 14.09
N GLY A 257 14.39 -5.33 13.78
CA GLY A 257 14.16 -6.39 14.74
C GLY A 257 13.56 -5.89 16.04
N THR A 258 12.60 -4.96 15.92
CA THR A 258 12.00 -4.31 17.07
C THR A 258 11.40 -5.30 18.05
N ALA A 259 11.64 -5.07 19.34
CA ALA A 259 11.16 -5.96 20.39
C ALA A 259 9.63 -5.97 20.47
N VAL A 260 9.08 -7.15 20.75
CA VAL A 260 7.64 -7.29 20.95
C VAL A 260 7.35 -7.88 22.31
N MET A 261 6.68 -7.10 23.17
CA MET A 261 6.37 -7.55 24.51
C MET A 261 4.86 -7.60 24.74
N SER A 262 4.44 -8.38 25.73
CA SER A 262 3.04 -8.44 26.12
C SER A 262 2.87 -7.85 27.51
N LEU A 263 2.22 -6.69 27.58
CA LEU A 263 2.04 -6.00 28.85
C LEU A 263 0.58 -5.66 29.11
N LYS A 264 0.16 -5.74 30.37
CA LYS A 264 -1.13 -5.23 30.78
C LYS A 264 -1.05 -3.70 30.80
N GLU A 265 -2.19 -3.03 30.69
CA GLU A 265 -2.21 -1.57 30.60
C GLU A 265 -1.72 -0.90 31.89
N GLY A 266 -1.72 -1.65 32.98
CA GLY A 266 -1.21 -1.15 34.25
C GLY A 266 0.29 -1.25 34.35
N GLN A 267 0.89 -2.00 33.42
CA GLN A 267 2.33 -2.23 33.44
C GLN A 267 3.07 -1.22 32.57
N ILE A 268 2.33 -0.31 31.94
CA ILE A 268 2.93 0.65 31.02
C ILE A 268 3.27 1.95 31.72
N ASN A 269 4.56 2.20 31.88
CA ASN A 269 5.04 3.41 32.54
C ASN A 269 5.62 4.41 31.54
N ASP A 270 6.15 5.52 32.05
CA ASP A 270 6.77 6.53 31.21
C ASP A 270 8.01 5.97 30.50
N MET A 271 8.63 4.97 31.11
CA MET A 271 9.80 4.32 30.53
C MET A 271 9.40 3.52 29.28
N ILE A 272 8.28 2.81 29.38
CA ILE A 272 7.75 2.05 28.26
C ILE A 272 7.23 2.99 27.17
N LEU A 273 6.47 4.00 27.58
CA LEU A 273 5.93 4.99 26.66
C LEU A 273 7.04 5.73 25.91
N SER A 274 8.21 5.83 26.54
CA SER A 274 9.36 6.45 25.91
C SER A 274 9.92 5.57 24.81
N LEU A 275 10.02 4.27 25.09
CA LEU A 275 10.51 3.30 24.12
C LEU A 275 9.60 3.22 22.90
N LEU A 276 8.29 3.34 23.13
CA LEU A 276 7.31 3.33 22.07
C LEU A 276 7.49 4.51 21.13
N SER A 277 7.64 5.70 21.72
CA SER A 277 7.77 6.94 20.95
C SER A 277 9.01 6.95 20.07
N LYS A 278 10.01 6.17 20.44
CA LYS A 278 11.26 6.11 19.68
C LYS A 278 11.24 4.97 18.67
N GLY A 279 10.11 4.26 18.60
CA GLY A 279 9.96 3.17 17.66
C GLY A 279 10.78 1.95 18.02
N ARG A 280 11.20 1.86 19.27
CA ARG A 280 12.01 0.74 19.74
C ARG A 280 11.20 -0.37 20.42
N LEU A 281 9.87 -0.22 20.46
CA LEU A 281 9.04 -1.22 21.13
C LEU A 281 7.69 -1.45 20.47
N ILE A 282 7.26 -2.71 20.44
CA ILE A 282 5.91 -3.08 20.03
C ILE A 282 5.23 -3.86 21.16
N ILE A 283 4.01 -3.44 21.52
CA ILE A 283 3.28 -4.15 22.56
C ILE A 283 2.02 -4.82 22.01
N ARG A 284 2.06 -6.14 21.93
CA ARG A 284 0.93 -6.94 21.48
C ARG A 284 1.17 -8.42 21.73
N GLU A 285 0.21 -9.25 21.35
CA GLU A 285 0.35 -10.70 21.46
C GLU A 285 1.10 -11.26 20.26
N ASN A 286 1.90 -12.30 20.50
CA ASN A 286 2.71 -12.92 19.46
C ASN A 286 2.02 -14.11 18.81
N ASN A 287 0.74 -14.32 19.15
CA ASN A 287 0.02 -15.50 18.70
C ASN A 287 -0.25 -15.49 17.19
N ARG A 288 -0.91 -16.53 16.70
CA ARG A 288 -1.14 -16.69 15.27
C ARG A 288 -2.17 -15.69 14.75
N VAL A 289 -2.06 -15.36 13.48
CA VAL A 289 -2.92 -14.35 12.87
C VAL A 289 -4.20 -14.97 12.31
N VAL A 290 -5.33 -14.56 12.86
CA VAL A 290 -6.63 -15.07 12.43
C VAL A 290 -7.55 -13.92 12.00
N ILE A 291 -8.05 -14.01 10.77
CA ILE A 291 -8.94 -12.98 10.25
C ILE A 291 -10.25 -13.60 9.75
N SER A 292 -11.30 -12.78 9.66
CA SER A 292 -12.58 -13.24 9.17
C SER A 292 -13.38 -12.10 8.56
N SER A 293 -14.27 -12.45 7.64
CA SER A 293 -15.17 -11.47 7.02
C SER A 293 -16.61 -11.90 7.22
N ASP A 294 -17.42 -11.02 7.80
CA ASP A 294 -18.82 -11.33 8.08
C ASP A 294 -19.64 -11.42 6.79
N VAL A 295 -20.47 -12.46 6.72
CA VAL A 295 -21.32 -12.68 5.55
C VAL A 295 -22.79 -12.61 5.94
N LEU A 296 -23.51 -11.66 5.35
CA LEU A 296 -24.94 -11.52 5.59
C LEU A 296 -25.72 -12.51 4.73
N VAL A 297 -26.61 -13.27 5.37
CA VAL A 297 -27.39 -14.28 4.67
C VAL A 297 -28.84 -13.82 4.48
N ASN A 298 -29.33 -13.93 3.25
CA ASN A 298 -30.69 -13.49 2.93
C ASN A 298 -31.21 -14.10 1.64
N ALA B 10 -14.77 -35.88 -17.24
CA ALA B 10 -13.58 -35.94 -18.09
C ALA B 10 -13.35 -34.63 -18.83
N PHE B 11 -14.19 -33.63 -18.53
CA PHE B 11 -14.08 -32.32 -19.17
C PHE B 11 -13.40 -31.31 -18.27
N ALA B 12 -12.44 -30.59 -18.84
CA ALA B 12 -11.77 -29.51 -18.13
C ALA B 12 -11.50 -28.35 -19.08
N VAL B 13 -11.86 -27.13 -18.66
CA VAL B 13 -11.62 -25.95 -19.47
C VAL B 13 -10.13 -25.62 -19.49
N ASP B 14 -9.57 -25.51 -20.70
CA ASP B 14 -8.16 -25.17 -20.82
C ASP B 14 -8.00 -23.72 -21.27
N ALA B 15 -7.58 -22.87 -20.35
CA ALA B 15 -7.38 -21.45 -20.64
C ALA B 15 -6.03 -21.21 -21.31
N ALA B 16 -5.06 -22.03 -20.94
CA ALA B 16 -3.71 -21.93 -21.49
C ALA B 16 -3.73 -21.96 -23.01
N LYS B 17 -4.40 -22.96 -23.56
CA LYS B 17 -4.58 -23.05 -25.01
C LYS B 17 -5.48 -21.93 -25.51
N ALA B 18 -6.49 -21.60 -24.72
CA ALA B 18 -7.47 -20.58 -25.09
C ALA B 18 -6.84 -19.20 -25.27
N TYR B 19 -5.90 -18.87 -24.39
CA TYR B 19 -5.23 -17.57 -24.45
C TYR B 19 -4.18 -17.54 -25.56
N LYS B 20 -3.48 -18.65 -25.74
CA LYS B 20 -2.47 -18.76 -26.79
C LYS B 20 -3.09 -18.61 -28.18
N ASP B 21 -4.25 -19.23 -28.37
CA ASP B 21 -4.95 -19.13 -29.64
C ASP B 21 -5.55 -17.74 -29.82
N TYR B 22 -5.92 -17.11 -28.71
CA TYR B 22 -6.45 -15.76 -28.73
C TYR B 22 -5.39 -14.77 -29.23
N LEU B 23 -4.17 -14.93 -28.75
CA LEU B 23 -3.06 -14.07 -29.16
C LEU B 23 -2.76 -14.26 -30.65
N ALA B 24 -2.81 -15.50 -31.11
CA ALA B 24 -2.51 -15.82 -32.50
C ALA B 24 -3.60 -15.28 -33.44
N SER B 25 -4.75 -14.95 -32.87
CA SER B 25 -5.87 -14.42 -33.65
C SER B 25 -5.74 -12.91 -33.82
N GLY B 26 -4.67 -12.35 -33.27
CA GLY B 26 -4.46 -10.92 -33.30
C GLY B 26 -5.16 -10.23 -32.14
N GLY B 27 -5.38 -11.00 -31.08
CA GLY B 27 -6.06 -10.50 -29.90
C GLY B 27 -5.17 -9.64 -29.03
N GLN B 28 -5.77 -8.61 -28.43
CA GLN B 28 -5.04 -7.70 -27.56
C GLN B 28 -4.70 -8.39 -26.24
N PRO B 29 -3.40 -8.49 -25.92
CA PRO B 29 -2.90 -9.17 -24.72
C PRO B 29 -3.46 -8.59 -23.42
N ILE B 30 -3.45 -9.39 -22.36
CA ILE B 30 -3.92 -8.94 -21.05
C ILE B 30 -3.09 -7.77 -20.54
N THR B 31 -3.78 -6.73 -20.07
CA THR B 31 -3.11 -5.52 -19.62
C THR B 31 -3.29 -5.33 -18.12
N ASN B 32 -2.81 -4.17 -17.63
CA ASN B 32 -2.90 -3.80 -16.22
C ASN B 32 -2.13 -4.74 -15.31
N CYS B 33 -1.11 -5.39 -15.85
CA CYS B 33 -0.15 -6.10 -15.02
C CYS B 33 0.60 -5.05 -14.23
N VAL B 34 0.92 -5.34 -12.98
CA VAL B 34 1.48 -4.32 -12.09
C VAL B 34 3.00 -4.31 -12.19
N LYS B 35 3.54 -3.25 -12.77
CA LYS B 35 4.98 -3.14 -12.96
C LYS B 35 5.62 -2.40 -11.79
N MET B 36 6.69 -2.97 -11.25
CA MET B 36 7.32 -2.43 -10.06
C MET B 36 8.48 -1.51 -10.40
N LEU B 37 8.65 -0.46 -9.60
CA LEU B 37 9.83 0.38 -9.68
C LEU B 37 11.00 -0.31 -8.99
N CYS B 38 12.09 -0.49 -9.72
CA CYS B 38 13.28 -1.14 -9.17
C CYS B 38 14.54 -0.53 -9.72
N THR B 39 15.69 -1.03 -9.27
CA THR B 39 16.98 -0.50 -9.67
C THR B 39 17.43 -1.05 -11.02
N HIS B 40 16.83 -2.18 -11.41
CA HIS B 40 17.20 -2.91 -12.61
C HIS B 40 18.66 -3.35 -12.57
N THR B 41 19.21 -3.43 -11.36
CA THR B 41 20.54 -3.97 -11.13
C THR B 41 20.50 -5.42 -10.63
N GLY B 42 19.29 -5.97 -10.53
CA GLY B 42 19.09 -7.25 -9.86
C GLY B 42 19.66 -8.47 -10.54
N THR B 43 19.44 -9.64 -9.93
CA THR B 43 20.03 -10.90 -10.39
C THR B 43 19.48 -11.34 -11.73
N GLY B 44 18.21 -11.03 -11.99
CA GLY B 44 17.59 -11.36 -13.26
C GLY B 44 16.91 -12.72 -13.27
N GLN B 45 16.71 -13.31 -12.10
CA GLN B 45 16.01 -14.58 -11.98
C GLN B 45 14.54 -14.45 -12.36
N ALA B 46 13.93 -15.56 -12.75
CA ALA B 46 12.57 -15.56 -13.27
C ALA B 46 11.53 -15.15 -12.22
N ILE B 47 11.49 -15.86 -11.11
CA ILE B 47 10.51 -15.61 -10.06
C ILE B 47 11.19 -15.45 -8.71
N THR B 48 11.01 -14.28 -8.09
CA THR B 48 11.70 -13.96 -6.85
C THR B 48 10.81 -13.25 -5.83
N VAL B 49 11.30 -13.15 -4.60
CA VAL B 49 10.54 -12.55 -3.51
C VAL B 49 10.50 -11.01 -3.57
N THR B 50 11.52 -10.43 -4.20
CA THR B 50 11.55 -8.98 -4.44
C THR B 50 11.92 -8.77 -5.90
N PRO B 51 11.64 -7.58 -6.45
CA PRO B 51 11.95 -7.42 -7.88
C PRO B 51 13.45 -7.58 -8.16
N GLU B 52 13.78 -8.54 -9.02
CA GLU B 52 15.16 -8.84 -9.38
C GLU B 52 15.61 -8.36 -10.77
N ALA B 53 14.75 -7.63 -11.47
CA ALA B 53 15.00 -7.29 -12.87
C ALA B 53 16.38 -6.69 -13.11
N ASN B 54 17.01 -7.10 -14.20
CA ASN B 54 18.23 -6.47 -14.68
C ASN B 54 17.90 -5.38 -15.70
N MET B 55 18.90 -4.86 -16.39
CA MET B 55 18.69 -3.81 -17.38
C MET B 55 17.76 -4.28 -18.49
N ASP B 56 17.81 -5.57 -18.80
CA ASP B 56 17.04 -6.13 -19.92
C ASP B 56 15.65 -6.58 -19.51
N GLN B 57 15.30 -6.38 -18.23
CA GLN B 57 14.04 -6.91 -17.71
C GLN B 57 13.17 -5.86 -17.04
N GLU B 58 11.87 -6.15 -16.99
CA GLU B 58 10.92 -5.39 -16.20
C GLU B 58 10.44 -6.29 -15.06
N SER B 59 10.19 -5.70 -13.90
CA SER B 59 9.69 -6.47 -12.75
C SER B 59 8.21 -6.23 -12.52
N PHE B 60 7.45 -7.32 -12.46
CA PHE B 60 6.01 -7.23 -12.27
C PHE B 60 5.56 -7.94 -11.00
N GLY B 61 4.40 -7.55 -10.48
CA GLY B 61 3.77 -8.27 -9.39
C GLY B 61 3.29 -9.61 -9.91
N GLY B 62 3.61 -10.69 -9.18
CA GLY B 62 3.34 -12.04 -9.63
C GLY B 62 1.89 -12.34 -9.95
N ALA B 63 1.00 -11.95 -9.05
CA ALA B 63 -0.42 -12.27 -9.17
C ALA B 63 -1.06 -11.66 -10.42
N SER B 64 -0.64 -10.45 -10.78
CA SER B 64 -1.22 -9.74 -11.91
C SER B 64 -0.78 -10.35 -13.25
N CYS B 65 0.27 -11.15 -13.22
CA CYS B 65 0.77 -11.80 -14.43
C CYS B 65 0.28 -13.23 -14.61
N CYS B 66 -0.48 -13.72 -13.64
CA CYS B 66 -0.97 -15.08 -13.68
C CYS B 66 -2.32 -15.17 -14.41
N LEU B 67 -2.34 -15.94 -15.49
CA LEU B 67 -3.55 -16.11 -16.29
C LEU B 67 -4.72 -16.64 -15.47
N TYR B 68 -4.42 -17.57 -14.57
CA TYR B 68 -5.45 -18.21 -13.77
C TYR B 68 -5.96 -17.28 -12.66
N CYS B 69 -5.06 -16.47 -12.12
CA CYS B 69 -5.45 -15.47 -11.14
C CYS B 69 -6.33 -14.40 -11.77
N ARG B 70 -5.90 -13.90 -12.94
CA ARG B 70 -6.58 -12.80 -13.60
C ARG B 70 -7.94 -13.20 -14.18
N CYS B 71 -8.07 -14.47 -14.58
CA CYS B 71 -9.30 -14.96 -15.18
C CYS B 71 -10.24 -15.58 -14.15
N HIS B 72 -9.83 -15.55 -12.89
CA HIS B 72 -10.62 -16.08 -11.78
C HIS B 72 -10.98 -17.55 -12.01
N ILE B 73 -9.97 -18.36 -12.31
CA ILE B 73 -10.16 -19.79 -12.53
C ILE B 73 -9.16 -20.61 -11.74
N ASP B 74 -9.39 -21.92 -11.66
CA ASP B 74 -8.52 -22.81 -10.89
C ASP B 74 -7.14 -22.95 -11.52
N HIS B 75 -6.14 -23.23 -10.68
CA HIS B 75 -4.78 -23.44 -11.14
C HIS B 75 -4.56 -24.89 -11.56
N PRO B 76 -3.81 -25.11 -12.64
CA PRO B 76 -3.59 -26.44 -13.22
C PRO B 76 -2.66 -27.33 -12.39
N ASN B 77 -3.18 -27.84 -11.27
CA ASN B 77 -2.46 -28.74 -10.39
C ASN B 77 -3.37 -29.19 -9.25
N PRO B 78 -3.14 -30.40 -8.71
CA PRO B 78 -3.95 -30.96 -7.62
C PRO B 78 -4.06 -30.03 -6.40
N LYS B 79 -2.95 -29.42 -6.00
CA LYS B 79 -2.93 -28.56 -4.82
C LYS B 79 -3.60 -27.20 -5.11
N GLY B 80 -3.62 -26.81 -6.37
CA GLY B 80 -4.19 -25.52 -6.75
C GLY B 80 -3.26 -24.38 -6.35
N PHE B 81 -1.99 -24.71 -6.20
CA PHE B 81 -0.98 -23.74 -5.77
C PHE B 81 -0.55 -22.82 -6.91
N CYS B 82 -0.18 -21.58 -6.55
CA CYS B 82 0.31 -20.62 -7.53
C CYS B 82 1.74 -20.18 -7.20
N ASP B 83 2.62 -20.29 -8.19
CA ASP B 83 4.04 -19.95 -7.99
C ASP B 83 4.32 -18.50 -8.36
N LEU B 84 3.28 -17.76 -8.72
CA LEU B 84 3.41 -16.36 -9.09
C LEU B 84 2.95 -15.45 -7.95
N LYS B 85 1.67 -15.59 -7.56
CA LYS B 85 1.09 -14.78 -6.49
C LYS B 85 1.95 -14.79 -5.23
N GLY B 86 2.23 -13.59 -4.71
CA GLY B 86 3.07 -13.44 -3.54
C GLY B 86 4.51 -13.13 -3.92
N LYS B 87 4.85 -13.42 -5.17
CA LYS B 87 6.22 -13.21 -5.66
C LYS B 87 6.26 -12.13 -6.74
N TYR B 88 7.44 -11.90 -7.30
CA TYR B 88 7.61 -10.98 -8.40
C TYR B 88 8.26 -11.68 -9.59
N VAL B 89 7.72 -11.45 -10.78
CA VAL B 89 8.22 -12.12 -11.97
C VAL B 89 8.97 -11.15 -12.87
N GLN B 90 10.07 -11.62 -13.47
CA GLN B 90 10.89 -10.81 -14.34
C GLN B 90 10.60 -11.11 -15.81
N ILE B 91 10.08 -10.11 -16.52
CA ILE B 91 9.79 -10.22 -17.94
C ILE B 91 10.79 -9.42 -18.77
N PRO B 92 11.42 -10.06 -19.76
CA PRO B 92 12.28 -9.37 -20.72
C PRO B 92 11.58 -8.16 -21.33
N THR B 93 12.27 -7.03 -21.41
CA THR B 93 11.67 -5.77 -21.83
C THR B 93 11.01 -5.86 -23.20
N THR B 94 11.56 -6.71 -24.07
CA THR B 94 10.99 -6.90 -25.41
C THR B 94 9.65 -7.63 -25.34
N CYS B 95 9.52 -8.53 -24.37
CA CYS B 95 8.28 -9.31 -24.21
C CYS B 95 7.35 -8.71 -23.16
N ALA B 96 7.74 -7.56 -22.62
CA ALA B 96 7.02 -6.96 -21.49
C ALA B 96 5.61 -6.48 -21.83
N ASN B 97 5.27 -6.48 -23.12
CA ASN B 97 3.93 -6.04 -23.54
C ASN B 97 2.87 -7.07 -23.22
N ASP B 98 3.28 -8.32 -23.01
CA ASP B 98 2.38 -9.38 -22.63
C ASP B 98 3.01 -10.29 -21.58
N PRO B 99 3.03 -9.82 -20.31
CA PRO B 99 3.63 -10.58 -19.20
C PRO B 99 2.91 -11.90 -18.94
N VAL B 100 1.59 -11.90 -19.08
CA VAL B 100 0.79 -13.11 -18.86
C VAL B 100 1.18 -14.19 -19.86
N GLY B 101 1.24 -13.82 -21.13
CA GLY B 101 1.59 -14.75 -22.18
C GLY B 101 3.00 -15.30 -22.05
N PHE B 102 3.93 -14.45 -21.60
CA PHE B 102 5.32 -14.87 -21.46
C PHE B 102 5.48 -15.94 -20.40
N THR B 103 4.96 -15.68 -19.20
CA THR B 103 5.05 -16.61 -18.10
C THR B 103 4.34 -17.92 -18.42
N LEU B 104 3.30 -17.82 -19.25
CA LEU B 104 2.52 -18.98 -19.65
C LEU B 104 3.29 -19.85 -20.65
N LYS B 105 3.88 -19.20 -21.66
CA LYS B 105 4.57 -19.92 -22.73
C LYS B 105 5.93 -20.45 -22.32
N ASN B 106 6.66 -19.68 -21.53
CA ASN B 106 8.03 -20.07 -21.15
C ASN B 106 8.08 -20.89 -19.87
N THR B 107 9.30 -21.30 -19.52
CA THR B 107 9.51 -22.17 -18.36
C THR B 107 10.74 -21.73 -17.57
N VAL B 108 10.69 -21.90 -16.25
CA VAL B 108 11.79 -21.52 -15.38
C VAL B 108 12.76 -22.68 -15.19
N CYS B 109 14.04 -22.41 -15.40
CA CYS B 109 15.08 -23.41 -15.15
C CYS B 109 15.14 -23.75 -13.67
N THR B 110 15.24 -25.04 -13.36
CA THR B 110 15.20 -25.49 -11.97
C THR B 110 16.50 -25.20 -11.22
N VAL B 111 17.64 -25.46 -11.86
CA VAL B 111 18.92 -25.34 -11.17
C VAL B 111 19.41 -23.90 -11.01
N CYS B 112 19.39 -23.11 -12.08
CA CYS B 112 19.91 -21.74 -12.02
C CYS B 112 18.83 -20.69 -11.78
N GLY B 113 17.57 -21.10 -11.76
CA GLY B 113 16.47 -20.20 -11.47
C GLY B 113 16.15 -19.16 -12.53
N MET B 114 16.81 -19.24 -13.68
CA MET B 114 16.57 -18.29 -14.76
C MET B 114 15.44 -18.78 -15.69
N TRP B 115 15.12 -17.97 -16.69
CA TRP B 115 14.14 -18.37 -17.70
C TRP B 115 14.81 -19.26 -18.74
N LYS B 116 14.13 -20.32 -19.18
CA LYS B 116 14.69 -21.18 -20.20
C LYS B 116 14.59 -20.48 -21.56
N GLY B 117 15.74 -20.29 -22.20
CA GLY B 117 15.80 -19.59 -23.46
C GLY B 117 16.13 -18.11 -23.29
N TYR B 118 15.84 -17.59 -22.10
CA TYR B 118 16.22 -16.21 -21.77
C TYR B 118 17.11 -16.16 -20.54
N GLY B 119 18.38 -15.85 -20.73
CA GLY B 119 19.31 -15.70 -19.62
C GLY B 119 19.80 -16.99 -18.98
N CYS B 120 19.37 -18.14 -19.51
CA CYS B 120 19.81 -19.42 -18.97
C CYS B 120 21.03 -19.94 -19.72
N SER B 121 22.15 -20.03 -19.02
CA SER B 121 23.42 -20.45 -19.62
C SER B 121 23.69 -21.95 -19.43
N CYS B 122 22.77 -22.63 -18.75
CA CYS B 122 22.93 -24.07 -18.49
C CYS B 122 22.61 -24.89 -19.73
C 4IK C . -4.79 1.00 -4.45
N 4IK C . -6.21 1.41 -6.39
O 4IK C . -3.85 0.51 -5.16
N1 4IK C . -15.13 -0.43 2.47
C2 4IK C . -14.17 -1.04 1.77
N3 4IK C . -13.51 -0.58 0.71
C4 4IK C . -13.88 0.66 0.31
C5 4IK C . -14.85 1.34 0.97
C6 4IK C . -15.49 0.77 2.08
N6 4IK C . -16.46 1.42 2.74
N7 4IK C . -15.03 2.55 0.36
C8 4IK C . -14.16 2.61 -0.67
N9 4IK C . -13.43 1.45 -0.71
CA 4IK C . -5.77 1.93 -5.06
CB 4IK C . -6.98 2.07 -4.13
NZ 4IK C . -8.76 4.37 -6.69
O3' 4IK C . -11.28 0.19 -4.69
O2' 4IK C . -13.44 -0.28 -3.40
CE 4IK C . -8.73 4.22 -5.25
CG 4IK C . -8.30 1.79 -4.93
C5' 4IK C . -9.88 2.99 -3.41
O4' 4IK C . -11.38 2.08 -1.73
CD 4IK C . -9.35 2.89 -4.85
C3' 4IK C . -11.71 1.37 -3.97
C2' 4IK C . -12.96 1.05 -3.11
C4' 4IK C . -10.65 1.77 -2.93
C1' 4IK C . -12.38 1.09 -1.69
OXT 4IK C . -4.88 0.68 -3.22
N2 GTA D . -11.80 23.46 -9.32
O6 GTA D . -8.57 22.28 -6.42
C6 GTA D . -9.72 22.14 -6.88
C5 GTA D . -10.54 21.15 -6.34
N7 GTA D . -10.32 20.25 -5.34
C8 GTA D . -11.44 19.51 -5.22
N9 GTA D . -12.36 19.95 -6.15
C4 GTA D . -11.79 20.96 -6.84
N3 GTA D . -12.26 21.75 -7.86
C2 GTA D . -11.38 22.68 -8.32
N1 GTA D . -10.11 22.91 -7.87
O3A GTA D . -14.86 16.42 -7.70
C1A GTA D . -13.59 19.49 -6.31
C2A GTA D . -13.67 18.53 -7.53
C3A GTA D . -13.95 17.18 -6.87
C4A GTA D . -14.62 17.56 -5.57
C5A GTA D . -14.39 16.48 -4.53
O4A GTA D . -13.99 18.78 -5.14
O2A GTA D . -14.77 18.91 -8.38
P1 GTA D . -12.25 15.55 -3.41
O11 GTA D . -12.38 15.29 -1.92
O12 GTA D . -12.66 14.31 -4.18
O13 GTA D . -10.72 15.90 -3.76
O15 GTA D . -13.20 16.76 -3.83
P2 GTA D . -9.83 15.72 -5.07
O22 GTA D . -8.53 16.50 -4.92
O21 GTA D . -10.58 16.25 -6.27
O23 GTA D . -9.50 14.17 -5.29
P3 GTA D . -8.99 13.34 -6.55
O32 GTA D . -7.70 13.92 -7.07
O31 GTA D . -10.04 13.39 -7.65
O33 GTA D . -8.77 11.83 -6.13
C5B GTA D . -7.70 11.53 -5.24
C4B GTA D . -7.69 10.05 -4.99
O4B GTA D . -9.02 9.60 -4.62
C3B GTA D . -7.33 9.32 -6.26
O3B GTA D . -5.88 9.15 -6.35
C2B GTA D . -8.01 7.98 -6.08
O2B GTA D . -7.15 7.10 -5.32
C1B GTA D . -9.27 8.36 -5.25
N9C GTA D . -10.34 8.44 -6.03
C8C GTA D . -10.73 9.50 -6.78
N7C GTA D . -11.88 9.20 -7.42
C5C GTA D . -12.22 7.93 -7.06
C6C GTA D . -13.31 7.12 -7.44
N6C GTA D . -14.24 7.58 -8.27
N1C GTA D . -13.42 5.89 -6.96
C2C GTA D . -12.44 5.51 -6.12
N3C GTA D . -11.38 6.20 -5.70
C4C GTA D . -11.26 7.45 -6.21
O1 MES E . 10.19 9.91 12.99
C2 MES E . 9.24 10.74 13.71
C3 MES E . 9.16 12.14 13.13
N4 MES E . 10.47 12.75 13.14
C5 MES E . 11.33 11.99 12.29
C6 MES E . 11.47 10.56 12.84
C7 MES E . 10.37 14.15 12.62
C8 MES E . 10.20 15.13 13.82
S MES E . 10.19 16.81 13.25
O1S MES E . 9.18 17.52 14.11
O2S MES E . 9.80 16.79 11.84
O3S MES E . 11.52 17.34 13.44
ZN ZN F . -2.03 -17.62 -9.97
ZN ZN G . 19.70 -22.93 -16.29
#